data_6FXE
#
_entry.id   6FXE
#
_cell.length_a   74.390
_cell.length_b   75.270
_cell.length_c   87.980
_cell.angle_alpha   90.000
_cell.angle_beta   90.000
_cell.angle_gamma   90.000
#
_symmetry.space_group_name_H-M   'P 21 21 21'
#
loop_
_entity.id
_entity.type
_entity.pdbx_description
1 polymer 'Putative surface protein'
2 non-polymer GLUTATHIONE
3 water water
#
_entity_poly.entity_id   1
_entity_poly.type   'polypeptide(L)'
_entity_poly.pdbx_seq_one_letter_code
;GAMGKIPNKQIKNKLLDDLKNLIETANEDRKKYEKKLEEEPSNQYGISIFKEIYWVASYETVADNTDRSKNYRKFTYATL
NPINTNKLANLSKILIQSKQKTLLFGTFCNLGRTFDTAINHLYPKKDALDKLEISNLEKLKNSFEKLLSMKSIVSDMLNQ
LLLDYQDDKDSIKTDIAKLESHLTELYKQIEKKSSQATKLKNNILSISNL
;
_entity_poly.pdbx_strand_id   A,B
#
loop_
_chem_comp.id
_chem_comp.type
_chem_comp.name
_chem_comp.formula
GSH non-polymer GLUTATHIONE 'C10 H17 N3 O6 S'
#
# COMPACT_ATOMS: atom_id res chain seq x y z
N ILE A 6 -12.60 26.59 -5.33
CA ILE A 6 -11.75 27.66 -5.94
C ILE A 6 -11.37 28.79 -4.93
N PRO A 7 -12.36 29.39 -4.19
CA PRO A 7 -11.97 30.53 -3.31
C PRO A 7 -11.13 30.04 -2.12
N ASN A 8 -9.98 30.68 -1.89
CA ASN A 8 -8.94 30.14 -1.02
C ASN A 8 -9.43 29.78 0.40
N LYS A 9 -10.35 30.57 0.93
CA LYS A 9 -10.88 30.31 2.23
C LYS A 9 -11.44 28.86 2.30
N GLN A 10 -12.22 28.49 1.28
CA GLN A 10 -12.82 27.16 1.24
C GLN A 10 -11.73 26.07 1.07
N ILE A 11 -10.68 26.36 0.29
CA ILE A 11 -9.59 25.42 0.17
C ILE A 11 -8.92 25.26 1.53
N LYS A 12 -8.44 26.37 2.09
CA LYS A 12 -7.77 26.34 3.39
C LYS A 12 -8.58 25.55 4.41
N ASN A 13 -9.87 25.83 4.47
CA ASN A 13 -10.73 25.21 5.46
C ASN A 13 -11.00 23.73 5.20
N LYS A 14 -10.95 23.33 3.93
CA LYS A 14 -11.15 21.91 3.62
C LYS A 14 -9.93 21.15 4.16
N LEU A 15 -8.75 21.73 3.93
CA LEU A 15 -7.56 21.17 4.48
C LEU A 15 -7.55 21.15 6.03
N LEU A 16 -8.06 22.17 6.72
CA LEU A 16 -8.15 22.12 8.19
C LEU A 16 -9.12 21.01 8.65
N ASP A 17 -10.26 20.90 7.97
CA ASP A 17 -11.16 19.71 8.12
C ASP A 17 -10.44 18.35 7.98
N ASP A 18 -9.67 18.17 6.92
CA ASP A 18 -9.08 16.88 6.67
C ASP A 18 -8.03 16.62 7.71
N LEU A 19 -7.18 17.58 8.00
CA LEU A 19 -6.19 17.37 9.04
C LEU A 19 -6.85 17.07 10.37
N LYS A 20 -7.89 17.79 10.71
CA LYS A 20 -8.61 17.54 11.92
C LYS A 20 -9.01 16.05 11.96
N ASN A 21 -9.59 15.54 10.90
CA ASN A 21 -10.07 14.14 10.93
C ASN A 21 -8.97 13.11 10.94
N LEU A 22 -7.82 13.40 10.30
CA LEU A 22 -6.69 12.48 10.25
C LEU A 22 -6.06 12.39 11.61
N ILE A 23 -5.95 13.54 12.25
CA ILE A 23 -5.38 13.67 13.55
C ILE A 23 -6.24 12.96 14.63
N GLU A 24 -7.57 13.07 14.56
CA GLU A 24 -8.35 12.32 15.52
C GLU A 24 -8.34 10.82 15.20
N THR A 25 -8.40 10.43 13.93
CA THR A 25 -8.39 9.00 13.62
C THR A 25 -7.05 8.42 14.16
N ALA A 26 -5.98 9.19 14.00
CA ALA A 26 -4.66 8.73 14.37
C ALA A 26 -4.54 8.72 15.88
N ASN A 27 -5.16 9.68 16.54
CA ASN A 27 -5.25 9.59 17.99
C ASN A 27 -5.99 8.39 18.55
N GLU A 28 -7.04 7.95 17.89
CA GLU A 28 -7.76 6.75 18.31
C GLU A 28 -6.81 5.56 18.24
N ASP A 29 -5.93 5.56 17.27
CA ASP A 29 -4.98 4.44 17.11
C ASP A 29 -4.02 4.42 18.25
N ARG A 30 -3.55 5.59 18.65
CA ARG A 30 -2.68 5.74 19.78
C ARG A 30 -3.35 5.37 21.09
N LYS A 31 -4.60 5.75 21.28
CA LYS A 31 -5.29 5.41 22.52
C LYS A 31 -5.39 3.91 22.59
N LYS A 32 -5.60 3.30 21.43
CA LYS A 32 -5.64 1.85 21.31
C LYS A 32 -4.32 1.05 21.57
N TYR A 33 -3.15 1.48 21.08
CA TYR A 33 -1.94 0.76 21.41
C TYR A 33 -1.41 1.10 22.77
N GLU A 34 -1.66 2.31 23.28
CA GLU A 34 -1.39 2.54 24.72
C GLU A 34 -2.18 1.55 25.59
N LYS A 35 -3.47 1.47 25.36
CA LYS A 35 -4.33 0.53 26.06
C LYS A 35 -3.90 -0.94 25.84
N LYS A 36 -3.26 -1.25 24.73
CA LYS A 36 -2.82 -2.61 24.48
C LYS A 36 -1.66 -2.98 25.37
N LEU A 37 -0.90 -1.95 25.75
CA LEU A 37 0.20 -2.08 26.68
C LEU A 37 -0.29 -2.13 28.12
N GLU A 38 -1.21 -1.25 28.46
CA GLU A 38 -1.75 -1.24 29.81
C GLU A 38 -2.41 -2.55 30.18
N GLU A 39 -2.89 -3.29 29.19
CA GLU A 39 -3.66 -4.48 29.43
C GLU A 39 -2.88 -5.67 28.99
N GLU A 40 -1.61 -5.45 28.68
CA GLU A 40 -0.73 -6.54 28.31
C GLU A 40 -0.71 -7.59 29.43
N PRO A 41 -1.06 -8.84 29.09
CA PRO A 41 -0.97 -9.87 30.11
C PRO A 41 0.48 -10.32 30.33
N SER A 42 0.69 -11.14 31.36
CA SER A 42 1.99 -11.68 31.72
C SER A 42 2.78 -12.16 30.54
N ASN A 43 2.16 -12.94 29.64
CA ASN A 43 2.90 -13.52 28.49
C ASN A 43 3.00 -12.61 27.22
N GLN A 44 2.67 -11.33 27.39
CA GLN A 44 2.82 -10.38 26.34
C GLN A 44 2.18 -10.87 25.03
N TYR A 45 0.96 -11.38 25.16
CA TYR A 45 0.12 -11.87 24.09
C TYR A 45 0.79 -13.01 23.33
N GLY A 46 1.74 -13.71 23.95
CA GLY A 46 2.42 -14.81 23.29
C GLY A 46 3.52 -14.33 22.37
N ILE A 47 3.91 -13.08 22.47
CA ILE A 47 5.04 -12.67 21.65
C ILE A 47 6.34 -13.04 22.38
N SER A 48 6.74 -14.29 22.30
CA SER A 48 7.91 -14.75 23.08
C SER A 48 9.24 -14.24 22.51
N ILE A 49 9.20 -13.66 21.31
CA ILE A 49 10.37 -13.09 20.66
C ILE A 49 10.93 -11.88 21.42
N PHE A 50 10.06 -11.16 22.11
CA PHE A 50 10.49 -10.09 22.96
C PHE A 50 11.55 -10.55 23.95
N LYS A 51 11.38 -11.75 24.49
CA LYS A 51 12.35 -12.31 25.47
C LYS A 51 13.69 -12.50 24.76
N GLU A 52 13.67 -12.93 23.50
CA GLU A 52 14.91 -13.15 22.75
C GLU A 52 15.58 -11.90 22.21
N ILE A 53 15.08 -10.70 22.51
CA ILE A 53 15.68 -9.51 21.98
C ILE A 53 16.24 -8.60 23.06
N TYR A 54 17.55 -8.36 22.95
CA TYR A 54 18.40 -7.74 23.93
C TYR A 54 18.74 -6.33 23.54
N TRP A 55 18.70 -5.42 24.50
CA TRP A 55 19.34 -4.12 24.29
C TRP A 55 20.83 -4.25 24.00
N VAL A 56 21.40 -3.19 23.48
CA VAL A 56 22.69 -3.21 22.78
C VAL A 56 23.87 -3.88 23.46
N ALA A 57 24.11 -3.63 24.74
CA ALA A 57 25.20 -4.35 25.37
C ALA A 57 24.73 -4.63 26.76
N SER A 58 23.77 -5.54 26.84
CA SER A 58 23.04 -5.74 28.05
C SER A 58 22.44 -7.15 28.08
N TYR A 59 21.92 -7.49 29.24
CA TYR A 59 21.18 -8.72 29.47
C TYR A 59 19.71 -8.37 29.61
N GLU A 60 19.39 -7.07 29.54
CA GLU A 60 18.01 -6.61 29.53
C GLU A 60 17.35 -7.04 28.18
N THR A 61 16.19 -7.70 28.24
CA THR A 61 15.42 -7.95 27.05
C THR A 61 14.30 -6.92 26.89
N VAL A 62 13.76 -6.95 25.69
CA VAL A 62 12.64 -6.14 25.31
C VAL A 62 11.37 -6.63 26.06
N ALA A 63 11.41 -7.84 26.63
CA ALA A 63 10.37 -8.35 27.51
C ALA A 63 10.38 -7.82 28.95
N ASP A 64 11.45 -7.13 29.39
CA ASP A 64 11.60 -6.80 30.82
C ASP A 64 10.78 -5.60 31.21
N ASN A 65 10.64 -5.39 32.50
CA ASN A 65 9.85 -4.30 33.00
C ASN A 65 10.75 -3.09 33.20
N THR A 66 11.05 -2.42 32.11
CA THR A 66 11.79 -1.18 32.11
C THR A 66 11.00 -0.18 31.26
N ASP A 67 11.22 1.11 31.45
CA ASP A 67 10.57 2.09 30.60
C ASP A 67 10.94 1.88 29.15
N ARG A 68 12.22 1.70 28.87
CA ARG A 68 12.62 1.54 27.48
C ARG A 68 12.09 0.24 26.86
N SER A 69 12.06 -0.84 27.65
CA SER A 69 11.49 -2.07 27.17
C SER A 69 9.97 -1.90 26.98
N LYS A 70 9.26 -1.36 27.97
CA LYS A 70 7.82 -1.13 27.84
C LYS A 70 7.49 -0.28 26.59
N ASN A 71 8.33 0.71 26.29
CA ASN A 71 8.09 1.53 25.12
C ASN A 71 8.34 0.84 23.84
N TYR A 72 9.36 -0.01 23.80
CA TYR A 72 9.64 -0.81 22.61
C TYR A 72 8.46 -1.70 22.29
N ARG A 73 7.87 -2.33 23.30
CA ARG A 73 6.71 -3.17 23.02
C ARG A 73 5.49 -2.29 22.65
N LYS A 74 5.36 -1.12 23.23
CA LYS A 74 4.24 -0.28 22.85
C LYS A 74 4.34 0.14 21.39
N PHE A 75 5.52 0.57 20.95
CA PHE A 75 5.66 0.98 19.60
C PHE A 75 5.45 -0.25 18.68
N THR A 76 5.79 -1.45 19.14
CA THR A 76 5.59 -2.65 18.35
C THR A 76 4.10 -2.91 18.22
N TYR A 77 3.35 -2.55 19.23
CA TYR A 77 1.91 -2.76 19.21
C TYR A 77 1.21 -1.70 18.40
N ALA A 78 1.81 -0.52 18.24
CA ALA A 78 1.35 0.44 17.25
C ALA A 78 1.35 -0.19 15.85
N THR A 79 2.47 -0.79 15.49
CA THR A 79 2.65 -1.36 14.16
C THR A 79 1.76 -2.57 13.98
N LEU A 80 1.61 -3.35 15.05
CA LEU A 80 0.75 -4.55 14.96
C LEU A 80 -0.70 -4.31 15.37
N ASN A 81 -1.04 -3.04 15.61
CA ASN A 81 -2.27 -2.66 16.28
C ASN A 81 -3.56 -3.22 15.74
N PRO A 82 -3.70 -3.30 14.40
CA PRO A 82 -4.91 -3.87 13.77
C PRO A 82 -5.02 -5.36 13.75
N ILE A 83 -3.97 -6.08 14.06
CA ILE A 83 -4.07 -7.52 14.01
C ILE A 83 -4.87 -7.91 15.24
N ASN A 84 -5.64 -8.98 15.13
CA ASN A 84 -6.43 -9.43 16.27
C ASN A 84 -5.43 -9.89 17.32
N THR A 85 -5.52 -9.34 18.49
CA THR A 85 -4.76 -9.78 19.67
C THR A 85 -4.61 -11.29 19.86
N ASN A 86 -5.64 -12.05 19.56
CA ASN A 86 -5.53 -13.48 19.66
C ASN A 86 -4.77 -14.13 18.49
N LYS A 87 -4.19 -13.36 17.55
CA LYS A 87 -3.34 -13.94 16.47
C LYS A 87 -1.84 -13.64 16.66
N LEU A 88 -1.51 -12.84 17.66
CA LEU A 88 -0.14 -12.43 17.87
C LEU A 88 0.73 -13.61 18.27
N ALA A 89 0.20 -14.52 19.07
CA ALA A 89 0.96 -15.76 19.36
C ALA A 89 1.36 -16.49 18.07
N ASN A 90 0.40 -16.68 17.16
CA ASN A 90 0.69 -17.34 15.87
C ASN A 90 1.62 -16.55 14.99
N LEU A 91 1.56 -15.21 15.10
CA LEU A 91 2.44 -14.36 14.31
C LEU A 91 3.86 -14.51 14.81
N SER A 92 4.02 -14.52 16.14
CA SER A 92 5.33 -14.69 16.76
C SER A 92 5.93 -16.07 16.43
N LYS A 93 5.11 -17.12 16.41
CA LYS A 93 5.63 -18.43 15.97
C LYS A 93 6.20 -18.44 14.55
N ILE A 94 5.59 -17.71 13.63
CA ILE A 94 6.15 -17.64 12.27
C ILE A 94 7.46 -16.85 12.25
N LEU A 95 7.50 -15.74 12.99
CA LEU A 95 8.62 -14.81 12.94
C LEU A 95 9.86 -15.25 13.70
N ILE A 96 9.65 -16.12 14.68
CA ILE A 96 10.75 -16.76 15.42
C ILE A 96 11.69 -17.36 14.42
N GLN A 97 11.15 -17.86 13.32
CA GLN A 97 11.96 -18.43 12.24
C GLN A 97 12.66 -17.39 11.39
N SER A 98 12.49 -16.10 11.66
CA SER A 98 13.10 -15.09 10.80
C SER A 98 14.54 -14.97 11.15
N LYS A 99 15.35 -14.93 10.11
CA LYS A 99 16.79 -14.76 10.25
C LYS A 99 17.11 -13.35 10.81
N GLN A 100 16.21 -12.38 10.67
CA GLN A 100 16.51 -10.99 11.07
C GLN A 100 15.49 -10.47 12.01
N LYS A 101 15.12 -11.24 13.01
CA LYS A 101 14.00 -10.83 13.82
C LYS A 101 14.33 -9.65 14.70
N THR A 102 15.58 -9.52 15.11
CA THR A 102 15.99 -8.33 15.87
C THR A 102 15.82 -7.09 15.02
N LEU A 103 16.36 -7.12 13.83
CA LEU A 103 16.18 -6.02 12.90
C LEU A 103 14.70 -5.80 12.55
N LEU A 104 13.98 -6.90 12.34
CA LEU A 104 12.60 -6.85 11.94
C LEU A 104 11.78 -6.18 13.02
N PHE A 105 11.92 -6.70 14.23
CA PHE A 105 11.26 -6.08 15.36
C PHE A 105 11.74 -4.65 15.54
N GLY A 106 13.00 -4.40 15.24
CA GLY A 106 13.53 -3.05 15.23
C GLY A 106 12.70 -2.13 14.40
N THR A 107 12.32 -2.58 13.23
CA THR A 107 11.51 -1.77 12.34
C THR A 107 10.09 -1.64 12.79
N PHE A 108 9.55 -2.62 13.50
CA PHE A 108 8.23 -2.49 14.09
C PHE A 108 8.25 -1.37 15.14
N CYS A 109 9.24 -1.39 15.99
CA CYS A 109 9.39 -0.36 16.98
C CYS A 109 9.49 0.98 16.30
N ASN A 110 10.30 1.07 15.27
CA ASN A 110 10.49 2.32 14.56
C ASN A 110 9.28 2.88 13.87
N LEU A 111 8.48 2.07 13.24
CA LEU A 111 7.29 2.59 12.63
C LEU A 111 6.35 3.08 13.70
N GLY A 112 6.35 2.44 14.85
CA GLY A 112 5.41 2.81 15.89
C GLY A 112 5.77 4.15 16.48
N ARG A 113 7.06 4.26 16.74
CA ARG A 113 7.62 5.43 17.37
C ARG A 113 7.55 6.67 16.46
N THR A 114 7.94 6.48 15.22
CA THR A 114 7.88 7.50 14.22
C THR A 114 6.46 8.03 14.15
N PHE A 115 5.52 7.10 14.07
CA PHE A 115 4.08 7.40 14.14
C PHE A 115 3.71 8.16 15.40
N ASP A 116 4.13 7.62 16.50
CA ASP A 116 3.76 8.13 17.80
C ASP A 116 4.25 9.54 18.00
N THR A 117 5.45 9.79 17.50
CA THR A 117 6.00 11.14 17.54
C THR A 117 5.18 12.11 16.67
N ALA A 118 4.73 11.66 15.51
CA ALA A 118 4.01 12.57 14.62
C ALA A 118 2.67 12.91 15.23
N ILE A 119 1.97 11.93 15.82
CA ILE A 119 0.67 12.26 16.45
C ILE A 119 0.82 12.93 17.79
N ASN A 120 1.84 12.61 18.54
CA ASN A 120 1.97 13.34 19.76
C ASN A 120 2.27 14.84 19.51
N HIS A 121 3.02 15.14 18.44
CA HIS A 121 3.26 16.50 17.98
C HIS A 121 1.97 17.19 17.48
N LEU A 122 1.16 16.51 16.67
CA LEU A 122 0.01 17.16 16.10
C LEU A 122 -1.25 17.14 16.97
N TYR A 123 -1.49 16.12 17.79
CA TYR A 123 -2.74 16.10 18.54
C TYR A 123 -3.00 17.40 19.29
N PRO A 124 -2.01 17.92 20.02
CA PRO A 124 -2.31 19.14 20.75
C PRO A 124 -2.62 20.38 19.89
N LYS A 125 -2.32 20.32 18.60
CA LYS A 125 -2.49 21.43 17.71
C LYS A 125 -3.60 21.20 16.71
N LYS A 126 -4.39 20.14 16.90
CA LYS A 126 -5.36 19.69 15.88
C LYS A 126 -6.42 20.71 15.55
N ASP A 127 -6.69 21.61 16.50
CA ASP A 127 -7.69 22.67 16.30
C ASP A 127 -7.07 24.04 16.02
N ALA A 128 -5.78 24.15 15.80
CA ALA A 128 -5.14 25.44 15.67
C ALA A 128 -3.98 25.39 14.68
N LEU A 129 -4.28 24.81 13.53
CA LEU A 129 -3.38 24.68 12.36
C LEU A 129 -3.53 25.81 11.36
N ASP A 130 -4.55 26.64 11.57
CA ASP A 130 -4.87 27.75 10.71
C ASP A 130 -3.80 28.83 10.55
N LYS A 131 -2.74 28.80 11.38
CA LYS A 131 -1.62 29.73 11.25
C LYS A 131 -0.67 29.39 10.12
N LEU A 132 -0.78 28.19 9.57
CA LEU A 132 -0.02 27.79 8.38
C LEU A 132 -0.68 28.23 7.06
N GLU A 133 0.14 28.37 6.00
CA GLU A 133 -0.39 28.82 4.69
C GLU A 133 -0.68 27.65 3.76
N ILE A 134 -1.62 27.85 2.82
CA ILE A 134 -2.15 26.75 2.01
C ILE A 134 -1.08 25.79 1.44
N SER A 135 0.05 26.32 0.96
CA SER A 135 1.11 25.45 0.41
C SER A 135 1.45 24.37 1.44
N ASN A 136 2.01 24.80 2.58
CA ASN A 136 2.63 23.86 3.50
C ASN A 136 1.65 23.25 4.54
N LEU A 137 0.37 23.46 4.29
CA LEU A 137 -0.71 22.83 4.99
C LEU A 137 -1.03 21.59 4.19
N GLU A 138 -1.11 21.76 2.87
CA GLU A 138 -1.13 20.64 1.94
C GLU A 138 0.03 19.66 2.15
N LYS A 139 1.25 20.16 2.30
CA LYS A 139 2.42 19.30 2.47
C LYS A 139 2.27 18.53 3.78
N LEU A 140 1.73 19.20 4.78
CA LEU A 140 1.49 18.57 6.06
C LEU A 140 0.50 17.41 5.90
N LYS A 141 -0.62 17.69 5.25
CA LYS A 141 -1.65 16.69 5.08
C LYS A 141 -1.21 15.55 4.27
N ASN A 142 -0.50 15.79 3.18
CA ASN A 142 -0.08 14.65 2.34
C ASN A 142 0.99 13.84 2.99
N SER A 143 1.82 14.50 3.79
CA SER A 143 2.87 13.83 4.56
C SER A 143 2.35 12.89 5.65
N PHE A 144 1.45 13.41 6.48
CA PHE A 144 0.87 12.66 7.58
C PHE A 144 0.00 11.47 7.10
N GLU A 145 -0.91 11.77 6.17
CA GLU A 145 -1.70 10.75 5.49
C GLU A 145 -0.81 9.66 4.87
N LYS A 146 0.35 10.02 4.38
CA LYS A 146 1.28 8.99 3.84
C LYS A 146 1.88 8.14 4.96
N LEU A 147 2.18 8.80 6.09
CA LEU A 147 2.74 8.17 7.27
C LEU A 147 1.74 7.13 7.81
N LEU A 148 0.50 7.54 8.02
CA LEU A 148 -0.56 6.61 8.41
C LEU A 148 -0.57 5.43 7.46
N SER A 149 -0.50 5.73 6.15
CA SER A 149 -0.42 4.70 5.10
C SER A 149 0.75 3.74 5.19
N MET A 150 1.96 4.22 5.49
CA MET A 150 3.10 3.29 5.61
C MET A 150 2.83 2.26 6.71
N LYS A 151 2.27 2.75 7.82
CA LYS A 151 2.08 1.88 8.97
C LYS A 151 0.91 0.93 8.68
N SER A 152 -0.20 1.41 8.11
CA SER A 152 -1.30 0.55 7.68
C SER A 152 -0.84 -0.56 6.80
N ILE A 153 0.04 -0.26 5.85
CA ILE A 153 0.48 -1.29 4.88
C ILE A 153 1.29 -2.33 5.59
N VAL A 154 2.11 -1.88 6.55
CA VAL A 154 2.89 -2.81 7.30
C VAL A 154 1.94 -3.76 8.02
N SER A 155 0.85 -3.21 8.58
CA SER A 155 -0.15 -4.06 9.28
C SER A 155 -0.84 -5.09 8.40
N ASP A 156 -1.22 -4.66 7.19
CA ASP A 156 -1.71 -5.53 6.13
C ASP A 156 -0.73 -6.61 5.70
N MET A 157 0.51 -6.24 5.46
CA MET A 157 1.51 -7.24 5.15
C MET A 157 1.61 -8.31 6.26
N LEU A 158 1.55 -7.94 7.55
CA LEU A 158 1.80 -8.96 8.60
C LEU A 158 0.55 -9.78 8.85
N ASN A 159 -0.57 -9.19 8.53
CA ASN A 159 -1.79 -9.89 8.60
C ASN A 159 -1.86 -10.92 7.49
N GLN A 160 -1.41 -10.52 6.32
CA GLN A 160 -1.49 -11.37 5.17
C GLN A 160 -0.57 -12.58 5.34
N LEU A 161 0.58 -12.36 5.96
CA LEU A 161 1.54 -13.44 6.25
C LEU A 161 0.87 -14.57 7.07
N LEU A 162 -0.07 -14.25 7.97
CA LEU A 162 -0.77 -15.26 8.78
C LEU A 162 -1.62 -16.17 7.93
N LEU A 163 -2.34 -15.57 6.98
CA LEU A 163 -3.15 -16.28 6.01
C LEU A 163 -2.30 -17.05 5.00
N ASP A 164 -1.34 -16.40 4.37
CA ASP A 164 -0.42 -17.15 3.49
C ASP A 164 0.22 -18.36 4.18
N TYR A 165 0.86 -18.18 5.32
CA TYR A 165 1.38 -19.33 6.08
C TYR A 165 0.33 -20.41 6.42
N GLN A 166 -0.84 -20.03 6.93
CA GLN A 166 -1.94 -21.00 7.13
C GLN A 166 -2.33 -21.70 5.82
N ASP A 167 -2.37 -20.97 4.70
CA ASP A 167 -2.59 -21.58 3.40
C ASP A 167 -1.44 -22.33 2.78
N ASP A 168 -0.26 -22.33 3.41
CA ASP A 168 0.92 -22.91 2.79
C ASP A 168 1.28 -22.28 1.46
N LYS A 169 0.97 -21.02 1.28
CA LYS A 169 1.26 -20.39 0.02
C LYS A 169 2.76 -20.49 -0.24
N ASP A 170 3.17 -20.69 -1.49
CA ASP A 170 4.60 -20.88 -1.89
C ASP A 170 5.32 -21.92 -1.05
N SER A 171 4.56 -22.84 -0.45
CA SER A 171 5.12 -23.86 0.46
C SER A 171 5.79 -23.27 1.70
N ILE A 172 5.24 -22.18 2.19
CA ILE A 172 5.88 -21.40 3.26
C ILE A 172 5.83 -22.16 4.61
N LYS A 173 4.78 -22.97 4.76
CA LYS A 173 4.57 -23.77 5.95
C LYS A 173 5.30 -25.11 5.89
N THR A 174 5.50 -25.67 4.70
CA THR A 174 5.98 -27.05 4.57
C THR A 174 7.46 -27.10 4.22
N ASP A 175 8.05 -25.93 3.98
CA ASP A 175 9.43 -25.83 3.53
C ASP A 175 10.04 -24.65 4.26
N ILE A 176 11.00 -24.93 5.14
CA ILE A 176 11.58 -23.92 6.01
C ILE A 176 12.45 -22.92 5.26
N ALA A 177 13.00 -23.35 4.13
CA ALA A 177 13.92 -22.51 3.38
C ALA A 177 13.13 -21.46 2.64
N LYS A 178 11.97 -21.82 2.18
CA LYS A 178 11.08 -20.90 1.52
C LYS A 178 10.47 -19.90 2.51
N LEU A 179 10.18 -20.40 3.71
CA LEU A 179 9.69 -19.55 4.78
C LEU A 179 10.72 -18.48 5.04
N GLU A 180 11.97 -18.88 5.16
CA GLU A 180 13.04 -17.93 5.40
C GLU A 180 13.24 -16.87 4.37
N SER A 181 13.29 -17.22 3.10
CA SER A 181 13.51 -16.17 2.10
C SER A 181 12.26 -15.29 1.98
N HIS A 182 11.09 -15.86 2.19
CA HIS A 182 9.86 -15.05 2.26
C HIS A 182 10.01 -14.07 3.36
N LEU A 183 10.39 -14.54 4.57
CA LEU A 183 10.48 -13.62 5.67
C LEU A 183 11.52 -12.56 5.41
N THR A 184 12.62 -12.96 4.78
CA THR A 184 13.67 -12.00 4.42
C THR A 184 13.17 -10.92 3.47
N GLU A 185 12.36 -11.30 2.50
CA GLU A 185 11.84 -10.36 1.52
C GLU A 185 10.90 -9.35 2.23
N LEU A 186 10.08 -9.89 3.13
CA LEU A 186 9.18 -9.10 3.97
C LEU A 186 9.92 -8.06 4.81
N TYR A 187 11.03 -8.48 5.37
CA TYR A 187 11.85 -7.58 6.10
C TYR A 187 12.40 -6.47 5.22
N LYS A 188 12.85 -6.75 4.00
CA LYS A 188 13.25 -5.66 3.09
C LYS A 188 12.09 -4.67 2.81
N GLN A 189 10.87 -5.19 2.63
CA GLN A 189 9.73 -4.35 2.28
C GLN A 189 9.45 -3.46 3.43
N ILE A 190 9.30 -4.07 4.59
CA ILE A 190 8.96 -3.31 5.75
C ILE A 190 10.07 -2.32 6.06
N GLU A 191 11.32 -2.69 5.82
CA GLU A 191 12.42 -1.76 6.12
C GLU A 191 12.37 -0.46 5.34
N LYS A 192 12.06 -0.51 4.04
CA LYS A 192 11.74 0.68 3.24
C LYS A 192 10.61 1.52 3.83
N LYS A 193 9.61 0.86 4.40
CA LYS A 193 8.44 1.55 4.83
C LYS A 193 8.88 2.31 6.04
N SER A 194 9.67 1.63 6.85
CA SER A 194 10.29 2.25 8.02
C SER A 194 11.18 3.48 7.68
N SER A 195 12.18 3.32 6.79
CA SER A 195 12.98 4.49 6.29
C SER A 195 12.10 5.60 5.78
N GLN A 196 11.14 5.22 4.96
CA GLN A 196 10.27 6.20 4.38
C GLN A 196 9.48 6.84 5.52
N ALA A 197 9.17 6.10 6.58
CA ALA A 197 8.37 6.72 7.65
C ALA A 197 9.20 7.70 8.47
N THR A 198 10.49 7.43 8.62
CA THR A 198 11.37 8.40 9.26
C THR A 198 11.36 9.75 8.51
N LYS A 199 11.45 9.70 7.19
CA LYS A 199 11.57 10.97 6.44
C LYS A 199 10.36 11.82 6.64
N LEU A 200 9.19 11.18 6.63
CA LEU A 200 7.94 11.88 6.76
C LEU A 200 7.67 12.46 8.15
N LYS A 201 8.14 11.77 9.21
CA LYS A 201 7.99 12.36 10.56
C LYS A 201 8.83 13.64 10.56
N ASN A 202 9.99 13.54 9.97
CA ASN A 202 10.88 14.69 9.90
C ASN A 202 10.28 15.82 9.12
N ASN A 203 9.81 15.51 7.90
CA ASN A 203 9.14 16.55 7.11
C ASN A 203 8.10 17.27 7.91
N ILE A 204 7.32 16.48 8.68
CA ILE A 204 6.16 16.98 9.39
C ILE A 204 6.61 17.88 10.50
N LEU A 205 7.56 17.41 11.29
CA LEU A 205 8.13 18.24 12.39
C LEU A 205 8.75 19.52 11.87
N SER A 206 9.47 19.42 10.74
CA SER A 206 10.03 20.59 10.05
C SER A 206 9.07 21.77 9.78
N ILE A 207 7.93 21.49 9.16
CA ILE A 207 7.00 22.53 8.70
C ILE A 207 5.83 22.80 9.62
N SER A 208 5.84 22.26 10.84
CA SER A 208 4.73 22.59 11.74
C SER A 208 5.18 22.99 13.13
N ASN A 209 6.18 23.85 13.21
CA ASN A 209 6.80 24.11 14.52
C ASN A 209 5.77 24.36 15.63
N LEU A 210 4.95 25.40 15.46
CA LEU A 210 3.76 25.62 16.35
C LEU A 210 3.87 25.10 17.80
N GLN B 10 -31.84 5.05 6.99
CA GLN B 10 -30.64 4.20 7.19
C GLN B 10 -29.61 4.42 6.08
N ILE B 11 -29.11 5.65 6.10
CA ILE B 11 -27.98 6.12 5.32
C ILE B 11 -26.84 5.07 5.29
N LYS B 12 -26.52 4.54 6.48
CA LYS B 12 -25.36 3.67 6.70
C LYS B 12 -25.48 2.33 5.98
N ASN B 13 -26.48 1.54 6.36
CA ASN B 13 -26.67 0.19 5.79
C ASN B 13 -26.59 0.13 4.27
N LYS B 14 -26.93 1.23 3.60
CA LYS B 14 -26.79 1.27 2.14
C LYS B 14 -25.29 1.24 1.79
N LEU B 15 -24.54 2.15 2.41
CA LEU B 15 -23.11 2.20 2.21
C LEU B 15 -22.51 0.82 2.42
N LEU B 16 -22.74 0.24 3.60
CA LEU B 16 -22.19 -1.09 3.91
C LEU B 16 -22.35 -2.13 2.80
N ASP B 17 -23.50 -2.13 2.15
CA ASP B 17 -23.75 -3.14 1.13
C ASP B 17 -23.15 -2.67 -0.21
N ASP B 18 -22.94 -1.35 -0.37
CA ASP B 18 -22.21 -0.81 -1.54
C ASP B 18 -20.73 -1.12 -1.49
N LEU B 19 -20.10 -0.73 -0.38
CA LEU B 19 -18.68 -1.01 -0.12
C LEU B 19 -18.38 -2.51 -0.31
N LYS B 20 -19.22 -3.34 0.30
CA LYS B 20 -19.28 -4.78 0.04
C LYS B 20 -19.25 -5.16 -1.44
N ASN B 21 -20.12 -4.54 -2.25
CA ASN B 21 -20.20 -4.93 -3.66
C ASN B 21 -18.92 -4.54 -4.35
N LEU B 22 -18.56 -3.28 -4.13
CA LEU B 22 -17.26 -2.73 -4.61
C LEU B 22 -16.08 -3.64 -4.21
N ILE B 23 -16.03 -4.02 -2.93
CA ILE B 23 -14.99 -4.92 -2.45
C ILE B 23 -15.00 -6.26 -3.14
N GLU B 24 -16.20 -6.84 -3.31
CA GLU B 24 -16.31 -8.13 -3.97
C GLU B 24 -15.91 -8.09 -5.43
N THR B 25 -16.37 -7.08 -6.19
CA THR B 25 -15.88 -6.87 -7.58
C THR B 25 -14.35 -6.74 -7.66
N ALA B 26 -13.78 -5.85 -6.85
CA ALA B 26 -12.30 -5.65 -6.78
C ALA B 26 -11.59 -6.99 -6.51
N ASN B 27 -12.05 -7.69 -5.46
CA ASN B 27 -11.55 -9.04 -5.11
C ASN B 27 -11.59 -10.05 -6.27
N GLU B 28 -12.64 -10.03 -7.09
CA GLU B 28 -12.68 -10.89 -8.28
C GLU B 28 -11.64 -10.44 -9.27
N ASP B 29 -11.41 -9.14 -9.33
CA ASP B 29 -10.42 -8.60 -10.28
C ASP B 29 -9.05 -9.12 -9.86
N ARG B 30 -8.75 -9.03 -8.55
CA ARG B 30 -7.51 -9.57 -8.00
C ARG B 30 -7.36 -11.07 -8.21
N LYS B 31 -8.36 -11.86 -7.82
CA LYS B 31 -8.36 -13.32 -8.15
C LYS B 31 -7.97 -13.44 -9.62
N LYS B 32 -8.68 -12.73 -10.47
CA LYS B 32 -8.39 -12.86 -11.86
C LYS B 32 -6.92 -12.46 -12.19
N TYR B 33 -6.37 -11.35 -11.66
CA TYR B 33 -4.99 -11.01 -12.06
C TYR B 33 -3.93 -11.86 -11.39
N GLU B 34 -4.21 -12.35 -10.20
CA GLU B 34 -3.24 -13.27 -9.62
C GLU B 34 -3.16 -14.58 -10.44
N LYS B 35 -4.32 -15.10 -10.80
CA LYS B 35 -4.38 -16.26 -11.64
C LYS B 35 -3.54 -15.99 -12.91
N LYS B 36 -3.78 -14.86 -13.56
CA LYS B 36 -3.11 -14.62 -14.84
C LYS B 36 -1.57 -14.63 -14.73
N LEU B 37 -1.05 -14.52 -13.52
CA LEU B 37 0.39 -14.73 -13.26
C LEU B 37 0.70 -16.19 -12.87
N GLU B 38 -0.15 -16.79 -12.02
CA GLU B 38 -0.05 -18.23 -11.72
C GLU B 38 0.03 -19.06 -13.01
N GLU B 39 -0.90 -18.83 -13.94
CA GLU B 39 -1.02 -19.66 -15.13
C GLU B 39 -0.43 -18.97 -16.33
N GLU B 40 0.85 -18.60 -16.22
CA GLU B 40 1.51 -17.79 -17.25
C GLU B 40 2.44 -18.57 -18.26
N PRO B 41 2.25 -18.34 -19.57
CA PRO B 41 3.06 -18.91 -20.66
C PRO B 41 4.55 -18.58 -20.64
N SER B 42 5.30 -19.33 -21.45
CA SER B 42 6.74 -19.12 -21.63
C SER B 42 7.04 -17.69 -21.93
N ASN B 43 6.35 -17.18 -22.96
CA ASN B 43 6.66 -15.86 -23.50
C ASN B 43 5.76 -14.74 -22.93
N GLN B 44 4.91 -15.10 -21.96
CA GLN B 44 4.17 -14.12 -21.14
C GLN B 44 3.11 -13.41 -22.00
N TYR B 45 2.35 -14.24 -22.75
CA TYR B 45 1.27 -13.79 -23.65
C TYR B 45 1.79 -12.90 -24.80
N GLY B 46 3.08 -12.98 -25.08
CA GLY B 46 3.66 -12.24 -26.22
C GLY B 46 4.13 -10.84 -25.89
N ILE B 47 4.05 -10.46 -24.60
CA ILE B 47 4.47 -9.12 -24.17
C ILE B 47 5.99 -9.13 -24.02
N SER B 48 6.65 -9.11 -25.17
CA SER B 48 8.08 -9.22 -25.21
C SER B 48 8.75 -7.90 -24.79
N ILE B 49 7.96 -6.82 -24.71
CA ILE B 49 8.38 -5.59 -24.03
C ILE B 49 8.96 -5.88 -22.64
N PHE B 50 8.35 -6.78 -21.88
CA PHE B 50 8.92 -7.15 -20.60
C PHE B 50 10.43 -7.45 -20.71
N LYS B 51 10.85 -8.18 -21.72
CA LYS B 51 12.27 -8.53 -21.93
C LYS B 51 13.13 -7.31 -22.16
N GLU B 52 12.53 -6.15 -22.43
CA GLU B 52 13.30 -4.95 -22.75
C GLU B 52 13.26 -3.93 -21.63
N ILE B 53 12.63 -4.30 -20.52
CA ILE B 53 12.52 -3.40 -19.40
C ILE B 53 13.33 -3.89 -18.22
N TYR B 54 14.41 -3.16 -18.01
CA TYR B 54 15.43 -3.42 -17.01
C TYR B 54 15.18 -2.67 -15.72
N TRP B 55 15.46 -3.33 -14.59
CA TRP B 55 15.52 -2.62 -13.31
C TRP B 55 16.67 -1.68 -13.35
N VAL B 56 16.65 -0.73 -12.44
CA VAL B 56 17.50 0.47 -12.55
C VAL B 56 19.01 0.24 -12.71
N ALA B 57 19.62 -0.57 -11.85
CA ALA B 57 21.09 -0.70 -11.91
C ALA B 57 21.40 -2.16 -11.87
N SER B 58 20.98 -2.82 -12.93
CA SER B 58 20.73 -4.23 -12.89
C SER B 58 20.65 -4.71 -14.33
N TYR B 59 20.72 -6.02 -14.49
CA TYR B 59 20.63 -6.68 -15.77
C TYR B 59 19.37 -7.52 -15.79
N GLU B 60 18.83 -7.66 -14.58
CA GLU B 60 17.57 -8.33 -14.39
C GLU B 60 16.56 -7.53 -15.17
N THR B 61 15.73 -8.21 -15.94
CA THR B 61 14.58 -7.56 -16.58
C THR B 61 13.29 -7.95 -15.89
N VAL B 62 12.26 -7.18 -16.22
CA VAL B 62 10.93 -7.44 -15.75
C VAL B 62 10.39 -8.72 -16.37
N ALA B 63 10.98 -9.11 -17.49
CA ALA B 63 10.74 -10.45 -18.00
C ALA B 63 11.32 -11.58 -17.14
N ASP B 64 12.17 -11.29 -16.15
CA ASP B 64 12.87 -12.37 -15.43
C ASP B 64 12.07 -12.98 -14.28
N ASN B 65 12.62 -14.03 -13.71
CA ASN B 65 11.93 -14.87 -12.73
C ASN B 65 12.35 -14.51 -11.30
N THR B 66 11.86 -13.40 -10.80
CA THR B 66 12.13 -13.01 -9.43
C THR B 66 10.91 -12.36 -8.81
N ASP B 67 10.80 -12.49 -7.49
CA ASP B 67 9.78 -11.77 -6.67
C ASP B 67 9.43 -10.34 -7.16
N ARG B 68 10.41 -9.46 -7.32
CA ARG B 68 10.14 -8.09 -7.77
C ARG B 68 9.64 -8.02 -9.24
N SER B 69 10.32 -8.74 -10.15
CA SER B 69 9.86 -8.88 -11.55
C SER B 69 8.49 -9.53 -11.64
N LYS B 70 8.33 -10.69 -11.02
CA LYS B 70 7.03 -11.39 -11.05
C LYS B 70 5.93 -10.43 -10.62
N ASN B 71 6.10 -9.76 -9.47
CA ASN B 71 5.14 -8.74 -9.05
C ASN B 71 4.98 -7.61 -10.09
N TYR B 72 6.07 -7.07 -10.62
CA TYR B 72 5.92 -6.05 -11.66
C TYR B 72 4.90 -6.49 -12.74
N ARG B 73 5.00 -7.75 -13.20
CA ARG B 73 4.05 -8.37 -14.16
C ARG B 73 2.61 -8.56 -13.68
N LYS B 74 2.45 -9.14 -12.50
CA LYS B 74 1.15 -9.24 -11.88
C LYS B 74 0.47 -7.86 -11.90
N PHE B 75 1.19 -6.82 -11.47
CA PHE B 75 0.57 -5.53 -11.30
C PHE B 75 0.23 -4.94 -12.62
N THR B 76 1.07 -5.20 -13.62
CA THR B 76 0.76 -4.90 -14.99
C THR B 76 -0.49 -5.68 -15.48
N TYR B 77 -0.68 -6.92 -15.01
CA TYR B 77 -1.87 -7.68 -15.43
C TYR B 77 -3.12 -7.07 -14.80
N ALA B 78 -2.97 -6.54 -13.60
CA ALA B 78 -4.12 -5.99 -12.90
C ALA B 78 -4.72 -4.83 -13.67
N THR B 79 -3.86 -4.07 -14.36
CA THR B 79 -4.26 -2.87 -15.09
C THR B 79 -4.74 -3.25 -16.50
N LEU B 80 -4.05 -4.21 -17.10
CA LEU B 80 -4.41 -4.74 -18.43
C LEU B 80 -5.46 -5.86 -18.37
N ASN B 81 -6.07 -6.10 -17.20
CA ASN B 81 -6.81 -7.35 -16.96
C ASN B 81 -8.00 -7.64 -17.88
N PRO B 82 -8.93 -6.69 -18.06
CA PRO B 82 -9.99 -7.09 -18.96
C PRO B 82 -9.50 -7.54 -20.35
N ILE B 83 -8.68 -6.73 -20.99
CA ILE B 83 -8.21 -6.99 -22.33
C ILE B 83 -7.79 -8.45 -22.45
N ASN B 84 -8.51 -9.22 -23.25
CA ASN B 84 -8.22 -10.65 -23.29
C ASN B 84 -6.87 -10.91 -23.96
N THR B 85 -6.25 -11.99 -23.54
CA THR B 85 -4.80 -12.14 -23.64
C THR B 85 -4.32 -12.32 -25.07
N ASN B 86 -5.22 -12.73 -25.95
CA ASN B 86 -4.84 -12.94 -27.33
C ASN B 86 -4.52 -11.58 -27.94
N LYS B 87 -4.92 -10.53 -27.23
CA LYS B 87 -4.85 -9.18 -27.72
C LYS B 87 -3.59 -8.51 -27.19
N LEU B 88 -3.11 -8.98 -26.04
CA LEU B 88 -2.00 -8.32 -25.37
C LEU B 88 -0.71 -8.24 -26.21
N ALA B 89 -0.40 -9.27 -27.00
CA ALA B 89 0.78 -9.18 -27.87
C ALA B 89 0.64 -7.99 -28.81
N ASN B 90 -0.58 -7.67 -29.26
CA ASN B 90 -0.78 -6.55 -30.20
C ASN B 90 -0.52 -5.20 -29.53
N LEU B 91 -0.93 -5.11 -28.27
CA LEU B 91 -0.63 -3.97 -27.47
C LEU B 91 0.89 -3.87 -27.32
N SER B 92 1.53 -4.93 -26.91
CA SER B 92 3.00 -4.92 -26.92
C SER B 92 3.54 -4.50 -28.28
N LYS B 93 3.01 -5.10 -29.34
CA LYS B 93 3.57 -4.92 -30.67
C LYS B 93 3.52 -3.46 -31.04
N ILE B 94 2.54 -2.75 -30.49
CA ILE B 94 2.46 -1.32 -30.69
C ILE B 94 3.55 -0.63 -29.91
N LEU B 95 3.57 -0.84 -28.61
CA LEU B 95 4.33 0.02 -27.70
C LEU B 95 5.83 -0.11 -27.84
N ILE B 96 6.30 -1.25 -28.37
CA ILE B 96 7.75 -1.51 -28.49
C ILE B 96 8.35 -0.51 -29.44
N GLN B 97 7.58 -0.12 -30.45
CA GLN B 97 8.08 0.86 -31.42
C GLN B 97 8.34 2.19 -30.74
N SER B 98 7.83 2.40 -29.53
CA SER B 98 7.98 3.67 -28.81
C SER B 98 9.19 3.80 -27.93
N LYS B 99 9.88 4.92 -28.06
CA LYS B 99 10.87 5.37 -27.06
C LYS B 99 10.30 5.69 -25.65
N GLN B 100 8.97 5.62 -25.46
CA GLN B 100 8.33 5.83 -24.15
C GLN B 100 7.79 4.54 -23.51
N LYS B 101 8.27 3.39 -23.99
CA LYS B 101 7.75 2.08 -23.55
C LYS B 101 7.92 1.74 -22.08
N THR B 102 9.06 2.08 -21.54
CA THR B 102 9.38 1.87 -20.14
C THR B 102 8.51 2.74 -19.21
N LEU B 103 8.31 3.99 -19.60
CA LEU B 103 7.53 4.87 -18.81
C LEU B 103 6.05 4.46 -18.77
N LEU B 104 5.54 3.98 -19.88
CA LEU B 104 4.13 3.64 -19.99
C LEU B 104 3.83 2.39 -19.16
N PHE B 105 4.66 1.35 -19.29
CA PHE B 105 4.53 0.15 -18.46
C PHE B 105 4.81 0.38 -17.00
N GLY B 106 5.67 1.35 -16.74
CA GLY B 106 5.89 1.80 -15.39
C GLY B 106 4.61 2.22 -14.71
N THR B 107 3.76 2.93 -15.40
CA THR B 107 2.53 3.34 -14.81
C THR B 107 1.45 2.27 -14.79
N PHE B 108 1.51 1.30 -15.68
CA PHE B 108 0.66 0.13 -15.56
C PHE B 108 0.94 -0.59 -14.27
N CYS B 109 2.19 -0.87 -13.94
CA CYS B 109 2.54 -1.52 -12.71
C CYS B 109 2.07 -0.71 -11.51
N ASN B 110 2.32 0.58 -11.55
CA ASN B 110 1.87 1.50 -10.55
C ASN B 110 0.39 1.53 -10.24
N LEU B 111 -0.44 1.64 -11.25
CA LEU B 111 -1.89 1.63 -11.04
C LEU B 111 -2.30 0.34 -10.45
N GLY B 112 -1.65 -0.73 -10.87
CA GLY B 112 -1.98 -2.07 -10.37
C GLY B 112 -1.69 -2.32 -8.90
N ARG B 113 -0.51 -1.87 -8.51
CA ARG B 113 0.01 -1.98 -7.15
C ARG B 113 -0.84 -1.18 -6.22
N THR B 114 -1.13 0.03 -6.65
CA THR B 114 -1.97 0.90 -5.90
C THR B 114 -3.33 0.24 -5.72
N PHE B 115 -3.83 -0.39 -6.76
CA PHE B 115 -5.13 -0.97 -6.67
C PHE B 115 -5.03 -2.15 -5.66
N ASP B 116 -3.99 -2.94 -5.87
CA ASP B 116 -3.79 -4.13 -5.05
C ASP B 116 -3.71 -3.77 -3.57
N THR B 117 -2.90 -2.76 -3.29
CA THR B 117 -2.73 -2.27 -1.94
C THR B 117 -4.08 -1.87 -1.39
N ALA B 118 -4.91 -1.23 -2.19
CA ALA B 118 -6.26 -0.91 -1.74
C ALA B 118 -7.12 -2.15 -1.43
N ILE B 119 -7.17 -3.12 -2.32
CA ILE B 119 -8.01 -4.30 -2.03
C ILE B 119 -7.46 -5.10 -0.80
N ASN B 120 -6.13 -5.31 -0.73
CA ASN B 120 -5.49 -6.05 0.39
C ASN B 120 -5.78 -5.42 1.72
N HIS B 121 -6.16 -4.15 1.72
CA HIS B 121 -6.48 -3.47 2.96
C HIS B 121 -7.95 -3.58 3.30
N LEU B 122 -8.84 -3.54 2.30
CA LEU B 122 -10.26 -3.48 2.61
C LEU B 122 -10.81 -4.87 2.75
N TYR B 123 -10.32 -5.84 1.99
CA TYR B 123 -11.02 -7.10 1.90
C TYR B 123 -11.01 -7.78 3.31
N PRO B 124 -9.81 -8.00 3.91
CA PRO B 124 -9.72 -8.48 5.29
C PRO B 124 -10.54 -7.72 6.31
N LYS B 125 -10.84 -6.46 6.04
CA LYS B 125 -11.65 -5.63 6.93
C LYS B 125 -13.11 -5.55 6.51
N LYS B 126 -13.56 -6.38 5.55
CA LYS B 126 -14.88 -6.15 4.89
C LYS B 126 -16.07 -6.27 5.84
N ASP B 127 -16.06 -7.28 6.68
CA ASP B 127 -17.19 -7.53 7.57
C ASP B 127 -17.20 -6.65 8.82
N ALA B 128 -16.19 -5.78 8.95
CA ALA B 128 -16.03 -4.95 10.14
C ALA B 128 -16.05 -3.46 9.87
N LEU B 129 -16.69 -3.04 8.79
CA LEU B 129 -16.68 -1.62 8.42
C LEU B 129 -17.68 -0.81 9.24
N ASP B 130 -18.73 -1.51 9.71
CA ASP B 130 -19.83 -0.93 10.54
C ASP B 130 -19.36 0.10 11.59
N LYS B 131 -18.11 -0.02 12.01
CA LYS B 131 -17.60 0.73 13.13
C LYS B 131 -17.25 2.20 12.84
N LEU B 132 -17.33 2.66 11.59
CA LEU B 132 -16.98 4.06 11.28
C LEU B 132 -18.20 4.97 11.32
N GLU B 133 -17.95 6.24 11.62
CA GLU B 133 -19.00 7.24 11.50
C GLU B 133 -19.28 7.45 10.04
N ILE B 134 -20.53 7.70 9.76
CA ILE B 134 -21.03 7.81 8.42
C ILE B 134 -20.03 8.61 7.61
N SER B 135 -19.80 9.86 8.03
CA SER B 135 -18.96 10.80 7.27
C SER B 135 -17.68 10.14 6.76
N ASN B 136 -17.04 9.30 7.58
CA ASN B 136 -15.83 8.57 7.16
C ASN B 136 -16.07 7.33 6.30
N LEU B 137 -17.25 6.75 6.38
CA LEU B 137 -17.61 5.60 5.51
C LEU B 137 -17.98 6.08 4.07
N GLU B 138 -18.54 7.28 3.96
CA GLU B 138 -18.75 7.90 2.65
C GLU B 138 -17.41 8.17 1.96
N LYS B 139 -16.54 8.91 2.63
CA LYS B 139 -15.21 9.21 2.11
C LYS B 139 -14.51 7.97 1.55
N LEU B 140 -14.64 6.86 2.27
CA LEU B 140 -13.97 5.61 1.93
C LEU B 140 -14.65 4.84 0.80
N LYS B 141 -15.98 4.95 0.71
CA LYS B 141 -16.71 4.38 -0.41
C LYS B 141 -16.36 5.19 -1.62
N ASN B 142 -16.47 6.50 -1.51
CA ASN B 142 -16.24 7.36 -2.67
C ASN B 142 -14.83 7.24 -3.22
N SER B 143 -13.83 7.42 -2.37
CA SER B 143 -12.46 7.06 -2.69
C SER B 143 -12.25 5.72 -3.40
N PHE B 144 -12.82 4.65 -2.83
CA PHE B 144 -12.60 3.32 -3.37
C PHE B 144 -13.32 3.20 -4.69
N GLU B 145 -14.45 3.86 -4.80
CA GLU B 145 -15.24 3.83 -6.01
C GLU B 145 -14.49 4.48 -7.13
N LYS B 146 -13.99 5.70 -6.90
CA LYS B 146 -13.17 6.35 -7.93
C LYS B 146 -12.08 5.43 -8.41
N LEU B 147 -11.39 4.75 -7.50
CA LEU B 147 -10.35 3.80 -7.90
C LEU B 147 -10.84 2.77 -8.93
N LEU B 148 -12.01 2.21 -8.69
CA LEU B 148 -12.54 1.25 -9.62
C LEU B 148 -12.93 1.87 -10.97
N SER B 149 -13.54 3.06 -10.93
CA SER B 149 -13.85 3.85 -12.18
C SER B 149 -12.64 4.20 -13.02
N MET B 150 -11.58 4.65 -12.38
CA MET B 150 -10.38 4.95 -13.13
C MET B 150 -9.92 3.75 -13.91
N LYS B 151 -10.12 2.55 -13.39
CA LYS B 151 -9.63 1.35 -14.01
C LYS B 151 -10.41 1.02 -15.24
N SER B 152 -11.70 1.36 -15.20
CA SER B 152 -12.53 1.20 -16.40
C SER B 152 -12.04 2.14 -17.48
N ILE B 153 -11.78 3.38 -17.10
CA ILE B 153 -11.34 4.35 -18.08
C ILE B 153 -9.96 4.03 -18.66
N VAL B 154 -9.00 3.67 -17.79
CA VAL B 154 -7.72 3.21 -18.29
C VAL B 154 -7.87 2.01 -19.22
N SER B 155 -8.61 0.99 -18.85
CA SER B 155 -8.82 -0.14 -19.78
C SER B 155 -9.36 0.29 -21.12
N ASP B 156 -10.28 1.26 -21.07
CA ASP B 156 -10.93 1.66 -22.27
C ASP B 156 -9.98 2.41 -23.13
N MET B 157 -9.18 3.30 -22.54
CA MET B 157 -8.22 4.05 -23.34
C MET B 157 -7.37 3.04 -24.13
N LEU B 158 -7.02 1.93 -23.46
CA LEU B 158 -6.13 0.94 -24.07
C LEU B 158 -6.77 0.16 -25.22
N ASN B 159 -8.02 -0.29 -25.05
CA ASN B 159 -8.79 -0.88 -26.14
C ASN B 159 -8.94 0.11 -27.27
N GLN B 160 -9.22 1.35 -26.94
CA GLN B 160 -9.36 2.38 -27.96
C GLN B 160 -8.09 2.62 -28.79
N LEU B 161 -6.93 2.45 -28.16
CA LEU B 161 -5.66 2.58 -28.85
C LEU B 161 -5.49 1.44 -29.83
N LEU B 162 -5.82 0.23 -29.44
CA LEU B 162 -5.73 -0.87 -30.38
C LEU B 162 -6.59 -0.56 -31.60
N LEU B 163 -7.80 -0.07 -31.38
CA LEU B 163 -8.70 0.23 -32.48
C LEU B 163 -7.97 1.22 -33.35
N ASP B 164 -7.83 2.43 -32.85
CA ASP B 164 -7.09 3.50 -33.56
C ASP B 164 -5.89 3.04 -34.41
N TYR B 165 -5.15 2.07 -33.91
CA TYR B 165 -3.96 1.59 -34.59
C TYR B 165 -4.33 0.81 -35.86
N GLN B 166 -5.30 -0.11 -35.71
CA GLN B 166 -5.99 -0.79 -36.81
C GLN B 166 -6.40 0.16 -37.94
N ASP B 167 -7.18 1.17 -37.58
CA ASP B 167 -7.76 2.12 -38.53
C ASP B 167 -6.82 3.28 -38.85
N ASP B 168 -5.51 3.10 -38.62
CA ASP B 168 -4.53 4.14 -38.81
C ASP B 168 -5.04 5.54 -38.48
N LYS B 169 -5.81 5.69 -37.42
CA LYS B 169 -6.38 6.99 -37.14
C LYS B 169 -5.22 7.98 -36.91
N ASP B 170 -5.30 9.15 -37.54
CA ASP B 170 -4.28 10.23 -37.46
C ASP B 170 -2.87 9.87 -37.91
N SER B 171 -2.75 8.80 -38.73
CA SER B 171 -1.47 8.30 -39.31
C SER B 171 -0.49 7.67 -38.29
N ILE B 172 -1.11 6.90 -37.39
CA ILE B 172 -0.53 6.32 -36.17
C ILE B 172 0.12 4.96 -36.45
N LYS B 173 -0.37 4.27 -37.49
CA LYS B 173 0.19 2.99 -37.92
C LYS B 173 1.27 3.21 -39.00
N THR B 174 1.41 4.44 -39.50
CA THR B 174 2.42 4.72 -40.54
C THR B 174 3.26 6.01 -40.34
N ASP B 175 3.10 6.71 -39.23
CA ASP B 175 3.96 7.86 -38.93
C ASP B 175 4.33 7.81 -37.44
N ILE B 176 5.57 7.39 -37.21
CA ILE B 176 6.14 7.29 -35.88
C ILE B 176 6.04 8.62 -35.11
N ALA B 177 6.26 9.73 -35.79
CA ALA B 177 6.11 11.03 -35.14
C ALA B 177 4.72 11.16 -34.52
N LYS B 178 3.71 10.83 -35.32
CA LYS B 178 2.31 10.90 -34.89
C LYS B 178 1.97 9.87 -33.79
N LEU B 179 2.47 8.65 -33.93
CA LEU B 179 2.29 7.66 -32.89
C LEU B 179 2.86 8.13 -31.55
N GLU B 180 4.10 8.56 -31.58
CA GLU B 180 4.79 8.90 -30.37
C GLU B 180 4.08 10.09 -29.67
N SER B 181 3.65 11.10 -30.42
CA SER B 181 2.87 12.19 -29.80
C SER B 181 1.56 11.70 -29.16
N HIS B 182 0.98 10.63 -29.73
CA HIS B 182 -0.22 9.96 -29.21
C HIS B 182 0.05 9.31 -27.84
N LEU B 183 1.10 8.51 -27.76
CA LEU B 183 1.55 7.88 -26.53
C LEU B 183 1.97 8.88 -25.44
N THR B 184 2.52 10.01 -25.85
CA THR B 184 2.78 11.07 -24.89
C THR B 184 1.46 11.60 -24.29
N GLU B 185 0.42 11.76 -25.11
CA GLU B 185 -0.87 12.22 -24.57
C GLU B 185 -1.46 11.10 -23.67
N LEU B 186 -1.29 9.85 -24.08
CA LEU B 186 -1.84 8.72 -23.36
C LEU B 186 -1.11 8.61 -22.01
N TYR B 187 0.21 8.50 -22.07
CA TYR B 187 1.06 8.55 -20.87
C TYR B 187 0.67 9.68 -19.92
N LYS B 188 0.39 10.85 -20.47
CA LYS B 188 0.00 12.00 -19.68
C LYS B 188 -1.33 11.80 -18.97
N GLN B 189 -2.30 11.29 -19.70
CA GLN B 189 -3.61 10.98 -19.10
C GLN B 189 -3.36 9.93 -17.99
N ILE B 190 -2.60 8.90 -18.30
CA ILE B 190 -2.49 7.79 -17.41
C ILE B 190 -1.66 8.12 -16.21
N GLU B 191 -0.51 8.74 -16.44
CA GLU B 191 0.32 9.14 -15.35
C GLU B 191 -0.51 9.99 -14.42
N LYS B 192 -1.42 10.81 -14.97
CA LYS B 192 -2.30 11.63 -14.15
C LYS B 192 -3.22 10.76 -13.31
N LYS B 193 -3.71 9.65 -13.87
CA LYS B 193 -4.60 8.74 -13.14
C LYS B 193 -3.81 8.03 -12.05
N SER B 194 -2.59 7.62 -12.35
CA SER B 194 -1.80 6.98 -11.33
C SER B 194 -1.47 7.86 -10.09
N SER B 195 -1.17 9.15 -10.26
CA SER B 195 -1.03 10.07 -9.11
C SER B 195 -2.33 10.23 -8.38
N GLN B 196 -3.43 10.24 -9.10
CA GLN B 196 -4.69 10.44 -8.45
C GLN B 196 -5.10 9.17 -7.69
N ALA B 197 -4.72 8.01 -8.19
CA ALA B 197 -5.04 6.75 -7.52
C ALA B 197 -4.30 6.61 -6.16
N THR B 198 -3.03 7.01 -6.16
CA THR B 198 -2.13 6.97 -5.03
C THR B 198 -2.67 7.78 -3.88
N LYS B 199 -3.17 8.97 -4.19
CA LYS B 199 -3.89 9.78 -3.17
C LYS B 199 -5.12 9.03 -2.70
N LEU B 200 -5.86 8.44 -3.62
CA LEU B 200 -7.04 7.65 -3.27
C LEU B 200 -6.69 6.42 -2.41
N LYS B 201 -5.73 5.60 -2.83
CA LYS B 201 -5.29 4.53 -1.95
C LYS B 201 -4.97 5.09 -0.52
N ASN B 202 -4.15 6.15 -0.43
CA ASN B 202 -3.80 6.71 0.85
C ASN B 202 -4.98 7.30 1.63
N ASN B 203 -6.02 7.80 0.98
CA ASN B 203 -7.25 8.07 1.73
C ASN B 203 -7.77 6.80 2.36
N ILE B 204 -7.64 5.67 1.68
CA ILE B 204 -8.33 4.46 2.09
C ILE B 204 -7.57 3.87 3.26
N LEU B 205 -6.26 3.73 3.14
CA LEU B 205 -5.42 3.28 4.24
C LEU B 205 -5.45 4.23 5.45
N SER B 206 -5.79 5.49 5.19
CA SER B 206 -5.84 6.47 6.26
C SER B 206 -7.08 6.37 7.08
N ILE B 207 -8.23 6.66 6.47
CA ILE B 207 -9.50 6.75 7.21
C ILE B 207 -9.94 5.41 7.79
N SER B 208 -9.54 4.31 7.18
CA SER B 208 -9.75 3.03 7.80
C SER B 208 -8.42 2.61 8.46
N ASN B 209 -8.09 3.33 9.53
CA ASN B 209 -6.79 3.25 10.17
C ASN B 209 -6.74 2.07 11.12
N LEU B 210 -7.71 1.96 12.03
CA LEU B 210 -7.86 0.81 12.97
C LEU B 210 -6.54 0.29 13.59
N1 GSH C . 17.59 -1.53 16.93
CA1 GSH C . 16.56 -2.04 17.79
C1 GSH C . 16.40 -3.45 17.36
O11 GSH C . 17.23 -3.83 16.50
O12 GSH C . 15.53 -4.21 17.81
CB1 GSH C . 15.33 -1.18 17.61
CG1 GSH C . 15.65 0.31 17.50
CD1 GSH C . 14.52 1.05 16.83
OE1 GSH C . 14.71 1.54 15.70
N2 GSH C . 13.34 1.14 17.46
CA2 GSH C . 12.88 2.23 18.27
C2 GSH C . 13.70 2.30 19.51
O2 GSH C . 14.75 1.71 19.61
CB2 GSH C . 11.45 2.03 18.71
SG2 GSH C . 10.92 0.39 19.11
N3 GSH C . 13.24 3.01 20.51
CA3 GSH C . 13.67 2.76 21.86
C3 GSH C . 14.53 3.92 22.22
O31 GSH C . 14.66 4.78 21.35
O32 GSH C . 15.04 3.96 23.35
N1 GSH D . 8.58 3.10 -10.03
CA1 GSH D . 9.92 2.67 -9.74
C1 GSH D . 10.83 3.74 -10.27
O11 GSH D . 10.84 4.79 -9.62
O12 GSH D . 11.53 3.55 -11.28
CB1 GSH D . 10.29 1.34 -10.37
CG1 GSH D . 9.20 0.32 -10.32
CD1 GSH D . 8.01 0.68 -11.15
OE1 GSH D . 8.26 1.31 -12.15
N2 GSH D . 6.74 0.35 -10.80
CA2 GSH D . 6.21 -0.35 -9.63
C2 GSH D . 7.25 -1.25 -8.97
O2 GSH D . 7.94 -1.96 -9.65
CB2 GSH D . 4.89 -1.08 -9.94
SG2 GSH D . 4.77 -2.31 -11.24
N3 GSH D . 7.42 -1.30 -7.67
CA3 GSH D . 8.03 -2.44 -7.00
C3 GSH D . 7.67 -3.75 -7.65
O31 GSH D . 6.66 -3.82 -8.35
O32 GSH D . 8.40 -4.74 -7.50
#